data_2VNO
#
_entry.id   2VNO
#
_cell.length_a   69.691
_cell.length_b   98.551
_cell.length_c   49.128
_cell.angle_alpha   90.00
_cell.angle_beta   90.00
_cell.angle_gamma   90.00
#
_symmetry.space_group_name_H-M   'P 21 21 2'
#
loop_
_entity.id
_entity.type
_entity.pdbx_description
1 polymer CPE0329
2 branched alpha-L-fucopyranose-(1-2)-[beta-D-galactopyranose-(1-3)]beta-D-galactopyranose
3 non-polymer 'CALCIUM ION'
4 water water
#
_entity_poly.entity_id   1
_entity_poly.type   'polypeptide(L)'
_entity_poly.pdbx_seq_one_letter_code
;EVYALEESRDVYLSDLDWLNATHGDDTKSKIVQKNHPFTPGNNNQSTKISLKMEDGSISEFEKGLGTIAGSPSTITYDIS
GAGVTKFFSYLGIDRSANPINEQYAKVDKIEVVVDGKVIYSTINQFPNGLTYETPAIKVDLNIPENAKRLQLKSYAGEKT
WGDEVVYADAKFTAKGDFVN
;
_entity_poly.pdbx_strand_id   A,B
#
# COMPACT_ATOMS: atom_id res chain seq x y z
N SER A 8 -23.68 5.35 0.94
CA SER A 8 -22.30 5.58 1.47
C SER A 8 -21.36 4.52 0.89
N ARG A 9 -20.05 4.73 1.08
CA ARG A 9 -19.06 3.69 0.83
C ARG A 9 -17.98 3.75 1.86
N ASP A 10 -17.25 2.63 1.95
CA ASP A 10 -16.14 2.56 2.88
C ASP A 10 -14.82 2.75 2.15
N VAL A 11 -13.95 3.57 2.74
CA VAL A 11 -12.64 3.87 2.16
C VAL A 11 -11.62 3.67 3.27
N TYR A 12 -10.62 2.81 3.01
CA TYR A 12 -9.51 2.67 3.98
C TYR A 12 -8.71 3.99 4.10
N LEU A 13 -8.33 4.32 5.35
CA LEU A 13 -7.48 5.52 5.52
C LEU A 13 -6.18 5.39 4.71
N SER A 14 -5.66 4.16 4.63
CA SER A 14 -4.41 3.96 3.94
C SER A 14 -4.52 4.17 2.42
N ASP A 15 -5.77 4.28 1.89
CA ASP A 15 -6.01 4.56 0.49
C ASP A 15 -6.30 6.05 0.27
N LEU A 16 -6.01 6.86 1.29
CA LEU A 16 -6.11 8.33 1.21
C LEU A 16 -4.75 8.91 1.55
N ASP A 17 -4.48 10.13 1.10
CA ASP A 17 -3.31 10.86 1.58
C ASP A 17 -3.65 11.70 2.79
N TRP A 18 -2.75 11.72 3.76
CA TRP A 18 -2.89 12.59 4.90
C TRP A 18 -2.32 13.96 4.61
N LEU A 19 -2.79 14.93 5.40
CA LEU A 19 -2.23 16.28 5.39
C LEU A 19 -0.80 16.28 5.98
N ASN A 20 -0.63 15.54 7.09
CA ASN A 20 0.65 15.36 7.73
C ASN A 20 0.58 14.09 8.60
N ALA A 21 1.76 13.56 8.86
CA ALA A 21 1.85 12.34 9.66
C ALA A 21 3.20 12.36 10.37
N THR A 22 3.18 12.58 11.68
CA THR A 22 4.38 12.55 12.46
C THR A 22 4.42 11.26 13.30
N HIS A 23 5.63 10.95 13.75
CA HIS A 23 5.86 9.78 14.61
C HIS A 23 6.94 10.07 15.65
N GLY A 24 7.13 9.14 16.57
CA GLY A 24 8.12 9.24 17.64
C GLY A 24 9.48 8.57 17.44
N ASP A 25 9.73 8.01 16.26
CA ASP A 25 10.99 7.34 15.97
C ASP A 25 12.06 8.43 15.88
N ASP A 26 13.30 8.09 16.26
CA ASP A 26 14.35 9.12 16.23
C ASP A 26 14.76 9.46 14.78
N THR A 27 14.61 8.49 13.90
CA THR A 27 15.04 8.63 12.50
C THR A 27 13.88 9.27 11.71
N LYS A 28 13.98 10.56 11.42
CA LYS A 28 12.87 11.23 10.76
C LYS A 28 12.73 10.91 9.29
N SER A 29 13.77 10.31 8.69
CA SER A 29 13.64 9.86 7.34
C SER A 29 12.68 8.67 7.24
N LYS A 30 12.52 7.93 8.37
CA LYS A 30 11.47 6.90 8.37
C LYS A 30 10.10 7.60 8.31
N ILE A 31 9.09 6.91 7.76
CA ILE A 31 7.81 7.56 7.56
C ILE A 31 6.70 6.63 8.08
N VAL A 32 5.60 7.28 8.44
CA VAL A 32 4.40 6.54 8.80
C VAL A 32 4.02 5.61 7.67
N GLN A 33 3.61 4.37 8.04
CA GLN A 33 3.45 3.33 7.03
C GLN A 33 1.98 3.07 6.66
N LYS A 34 1.76 2.82 5.36
CA LYS A 34 0.45 2.37 4.89
C LYS A 34 0.55 0.85 4.74
N ASN A 35 -0.37 0.15 5.45
CA ASN A 35 -0.48 -1.30 5.25
C ASN A 35 0.73 -2.12 5.69
N HIS A 36 1.53 -1.52 6.56
CA HIS A 36 2.62 -2.27 7.25
C HIS A 36 2.79 -1.70 8.66
N PRO A 37 3.35 -2.48 9.56
CA PRO A 37 3.74 -1.84 10.83
C PRO A 37 4.97 -0.90 10.54
N PHE A 38 5.29 0.00 11.51
CA PHE A 38 6.26 1.05 11.21
C PHE A 38 7.67 0.51 10.92
N THR A 39 8.20 -0.26 11.87
CA THR A 39 9.59 -0.67 11.69
C THR A 39 9.79 -1.60 10.46
N PRO A 40 9.05 -2.72 10.41
CA PRO A 40 9.25 -3.59 9.26
C PRO A 40 8.92 -2.90 7.93
N GLY A 41 7.89 -2.03 7.95
CA GLY A 41 7.51 -1.35 6.70
C GLY A 41 8.62 -0.44 6.17
N ASN A 42 9.25 0.26 7.12
CA ASN A 42 10.32 1.20 6.71
C ASN A 42 11.56 0.35 6.27
N ASN A 43 11.56 -0.91 6.68
CA ASN A 43 12.57 -1.87 6.18
C ASN A 43 12.15 -2.61 4.89
N ASN A 44 10.98 -2.23 4.30
CA ASN A 44 10.50 -2.78 3.03
C ASN A 44 10.26 -4.26 3.09
N GLN A 45 9.88 -4.68 4.31
CA GLN A 45 9.50 -6.06 4.52
C GLN A 45 8.02 -6.32 4.23
N SER A 46 7.66 -7.58 4.00
CA SER A 46 6.29 -7.86 3.62
C SER A 46 5.36 -8.05 4.82
N THR A 47 5.95 -7.98 6.01
CA THR A 47 5.20 -8.28 7.26
C THR A 47 3.89 -7.49 7.31
N LYS A 48 2.77 -8.21 7.50
CA LYS A 48 1.47 -7.57 7.63
C LYS A 48 1.32 -7.00 9.06
N ILE A 49 0.50 -5.95 9.17
CA ILE A 49 0.00 -5.52 10.45
C ILE A 49 -0.67 -6.70 11.16
N SER A 50 -0.39 -6.88 12.44
CA SER A 50 -1.09 -7.95 13.19
C SER A 50 -1.27 -7.47 14.63
N LEU A 51 -2.35 -7.96 15.25
CA LEU A 51 -2.71 -7.59 16.58
C LEU A 51 -3.28 -8.78 17.34
N LYS A 52 -3.08 -8.73 18.66
CA LYS A 52 -3.77 -9.60 19.60
C LYS A 52 -5.20 -9.13 19.74
N MET A 53 -6.15 -10.02 19.46
CA MET A 53 -7.56 -9.66 19.50
CA MET A 53 -7.56 -9.66 19.50
C MET A 53 -8.09 -9.75 20.91
N GLU A 54 -9.42 -9.67 21.04
CA GLU A 54 -10.08 -9.66 22.33
C GLU A 54 -9.98 -11.03 22.99
N ASP A 55 -9.95 -12.08 22.19
CA ASP A 55 -9.84 -13.44 22.74
C ASP A 55 -8.41 -13.93 22.94
N GLY A 56 -7.45 -13.13 22.52
CA GLY A 56 -6.05 -13.48 22.63
C GLY A 56 -5.39 -13.93 21.32
N SER A 57 -6.21 -14.29 20.33
CA SER A 57 -5.65 -14.79 19.09
C SER A 57 -5.04 -13.67 18.31
N ILE A 58 -4.11 -14.01 17.41
CA ILE A 58 -3.43 -13.03 16.59
C ILE A 58 -4.13 -12.97 15.22
N SER A 59 -4.56 -11.77 14.82
CA SER A 59 -5.11 -11.56 13.49
C SER A 59 -4.16 -10.69 12.68
N GLU A 60 -4.04 -11.03 11.39
CA GLU A 60 -3.31 -10.19 10.45
C GLU A 60 -4.30 -9.36 9.64
N PHE A 61 -3.86 -8.17 9.22
CA PHE A 61 -4.75 -7.27 8.47
C PHE A 61 -4.07 -6.81 7.17
N GLU A 62 -4.81 -6.74 6.08
CA GLU A 62 -4.22 -6.26 4.85
C GLU A 62 -4.01 -4.76 4.85
N LYS A 63 -4.97 -4.06 5.45
CA LYS A 63 -4.97 -2.60 5.42
C LYS A 63 -4.84 -1.99 6.81
N GLY A 64 -4.16 -0.84 6.86
CA GLY A 64 -4.14 -0.05 8.07
C GLY A 64 -2.96 0.94 8.02
N LEU A 65 -2.71 1.57 9.19
CA LEU A 65 -1.59 2.49 9.35
C LEU A 65 -0.63 2.02 10.47
N GLY A 66 0.68 2.23 10.27
CA GLY A 66 1.66 1.88 11.26
C GLY A 66 2.50 3.11 11.66
N THR A 67 2.54 3.40 12.96
CA THR A 67 3.27 4.56 13.46
C THR A 67 4.20 4.20 14.61
N ILE A 68 4.89 5.19 15.16
CA ILE A 68 5.51 5.06 16.46
C ILE A 68 4.91 6.18 17.31
N ALA A 69 4.41 5.83 18.48
CA ALA A 69 3.75 6.82 19.37
C ALA A 69 4.79 7.94 19.67
N GLY A 70 4.31 9.17 19.93
CA GLY A 70 5.21 10.28 20.19
C GLY A 70 4.58 11.17 21.25
N SER A 71 4.72 12.50 21.09
CA SER A 71 4.31 13.39 22.20
C SER A 71 3.26 14.45 21.85
N PRO A 72 2.16 14.09 21.16
CA PRO A 72 1.85 12.81 20.49
C PRO A 72 2.42 12.76 19.08
N SER A 73 2.45 11.56 18.49
CA SER A 73 2.50 11.43 17.04
C SER A 73 1.11 11.52 16.43
N THR A 74 0.97 12.33 15.39
CA THR A 74 -0.34 12.74 14.90
C THR A 74 -0.45 12.48 13.42
N ILE A 75 -1.52 11.81 12.99
CA ILE A 75 -1.82 11.68 11.56
C ILE A 75 -3.13 12.36 11.22
N THR A 76 -3.06 13.39 10.38
CA THR A 76 -4.17 14.31 10.18
C THR A 76 -4.71 14.14 8.78
N TYR A 77 -6.04 13.97 8.69
CA TYR A 77 -6.77 13.92 7.40
C TYR A 77 -7.73 15.12 7.24
N ASP A 78 -7.76 15.64 6.02
CA ASP A 78 -8.76 16.65 5.67
C ASP A 78 -9.99 15.92 5.13
N ILE A 79 -11.07 15.90 5.89
CA ILE A 79 -12.29 15.19 5.54
C ILE A 79 -13.38 16.24 5.16
N SER A 80 -12.97 17.48 4.93
CA SER A 80 -13.97 18.52 4.61
C SER A 80 -14.71 18.17 3.30
N GLY A 81 -16.05 18.27 3.32
CA GLY A 81 -16.90 17.97 2.18
C GLY A 81 -17.14 16.49 1.92
N ALA A 82 -16.37 15.61 2.59
CA ALA A 82 -16.44 14.16 2.28
C ALA A 82 -17.68 13.45 2.80
N GLY A 83 -18.43 14.10 3.68
CA GLY A 83 -19.56 13.40 4.24
C GLY A 83 -19.19 12.15 5.04
N VAL A 84 -18.10 12.24 5.80
CA VAL A 84 -17.74 11.09 6.68
C VAL A 84 -18.78 10.91 7.81
N THR A 85 -19.39 9.71 7.92
CA THR A 85 -20.31 9.42 8.99
C THR A 85 -19.79 8.43 10.04
N LYS A 86 -18.79 7.67 9.66
CA LYS A 86 -18.25 6.65 10.60
C LYS A 86 -16.73 6.43 10.42
N PHE A 87 -16.05 6.13 11.56
CA PHE A 87 -14.65 5.72 11.58
C PHE A 87 -14.56 4.39 12.31
N PHE A 88 -13.87 3.44 11.70
CA PHE A 88 -13.62 2.15 12.37
C PHE A 88 -12.15 1.87 12.33
N SER A 89 -11.63 1.33 13.43
CA SER A 89 -10.27 0.79 13.41
C SER A 89 -10.13 -0.10 14.64
N TYR A 90 -9.25 -1.10 14.51
CA TYR A 90 -8.64 -1.71 15.71
C TYR A 90 -7.39 -0.88 16.13
N LEU A 91 -7.15 -0.80 17.43
CA LEU A 91 -5.99 -0.14 17.95
C LEU A 91 -5.21 -1.11 18.83
N GLY A 92 -3.89 -1.08 18.65
CA GLY A 92 -3.04 -1.85 19.52
C GLY A 92 -1.59 -1.69 19.15
N ILE A 93 -0.73 -2.46 19.85
CA ILE A 93 0.67 -2.50 19.54
C ILE A 93 0.95 -3.74 18.64
N ASP A 94 1.55 -3.46 17.48
CA ASP A 94 1.76 -4.49 16.49
C ASP A 94 2.56 -5.65 17.08
N ARG A 95 2.22 -6.90 16.69
CA ARG A 95 2.93 -8.03 17.23
C ARG A 95 4.43 -7.99 16.95
N SER A 96 4.79 -7.28 15.91
CA SER A 96 6.19 -7.22 15.48
C SER A 96 7.05 -6.47 16.54
N ALA A 97 6.36 -5.71 17.42
CA ALA A 97 7.12 -4.99 18.47
C ALA A 97 7.82 -6.05 19.37
N ASN A 98 8.86 -5.59 20.08
CA ASN A 98 9.69 -6.42 20.94
C ASN A 98 9.63 -5.93 22.40
N PRO A 99 8.90 -6.63 23.26
CA PRO A 99 8.68 -6.14 24.62
C PRO A 99 9.85 -6.56 25.50
N ILE A 100 11.01 -5.98 25.23
CA ILE A 100 12.20 -6.54 25.91
C ILE A 100 12.23 -6.27 27.42
N ASN A 101 11.55 -5.21 27.85
CA ASN A 101 11.33 -4.92 29.27
C ASN A 101 10.14 -4.04 29.42
N GLU A 102 9.79 -3.67 30.64
CA GLU A 102 8.52 -2.99 30.92
C GLU A 102 8.53 -1.56 30.39
N GLN A 103 9.71 -1.09 30.00
CA GLN A 103 9.85 0.27 29.39
C GLN A 103 9.48 0.30 27.92
N TYR A 104 9.38 -0.87 27.31
CA TYR A 104 9.09 -1.00 25.87
C TYR A 104 7.58 -1.28 25.67
N ALA A 105 7.07 -0.80 24.53
CA ALA A 105 5.71 -1.15 24.09
C ALA A 105 4.71 -0.75 25.18
N LYS A 106 4.77 0.54 25.55
CA LYS A 106 3.90 1.09 26.58
C LYS A 106 3.36 2.40 26.06
N VAL A 107 2.08 2.46 25.72
CA VAL A 107 1.49 3.68 25.13
C VAL A 107 0.43 4.21 26.07
N ASP A 108 0.55 5.51 26.38
CA ASP A 108 -0.30 6.06 27.40
C ASP A 108 -1.78 6.13 27.00
N LYS A 109 -2.00 6.55 25.74
CA LYS A 109 -3.36 6.62 25.22
C LYS A 109 -3.27 6.90 23.71
N ILE A 110 -4.39 6.59 23.06
CA ILE A 110 -4.63 6.93 21.66
C ILE A 110 -5.96 7.67 21.60
N GLU A 111 -5.97 8.81 20.84
CA GLU A 111 -7.19 9.58 20.70
C GLU A 111 -7.61 9.66 19.20
N VAL A 112 -8.90 9.78 18.99
CA VAL A 112 -9.43 10.24 17.70
C VAL A 112 -9.99 11.67 17.94
N VAL A 113 -9.45 12.66 17.20
CA VAL A 113 -9.79 14.07 17.45
C VAL A 113 -10.46 14.58 16.15
N VAL A 114 -11.59 15.26 16.29
CA VAL A 114 -12.23 15.82 15.12
C VAL A 114 -12.44 17.33 15.38
N ASP A 115 -11.81 18.15 14.55
CA ASP A 115 -11.96 19.61 14.67
C ASP A 115 -11.67 20.05 16.10
N GLY A 116 -10.60 19.49 16.65
CA GLY A 116 -10.08 19.94 17.95
C GLY A 116 -10.76 19.36 19.19
N LYS A 117 -11.75 18.49 18.94
CA LYS A 117 -12.46 17.79 20.02
C LYS A 117 -12.08 16.31 20.12
N VAL A 118 -11.71 15.86 21.31
CA VAL A 118 -11.46 14.43 21.45
C VAL A 118 -12.80 13.73 21.45
N ILE A 119 -13.08 12.97 20.40
CA ILE A 119 -14.37 12.27 20.31
C ILE A 119 -14.24 10.77 20.75
N TYR A 120 -13.01 10.30 20.88
CA TYR A 120 -12.70 8.98 21.41
C TYR A 120 -11.30 8.99 22.03
N SER A 121 -11.14 8.39 23.21
CA SER A 121 -9.81 8.18 23.78
C SER A 121 -9.75 6.84 24.51
N THR A 122 -8.66 6.11 24.31
CA THR A 122 -8.44 4.85 25.06
C THR A 122 -8.30 5.11 26.60
N ILE A 123 -8.09 6.37 26.99
CA ILE A 123 -7.91 6.67 28.42
C ILE A 123 -9.16 6.33 29.23
N ASN A 124 -10.33 6.34 28.59
CA ASN A 124 -11.54 6.14 29.38
C ASN A 124 -11.67 4.69 29.79
N GLN A 125 -11.34 3.76 28.90
CA GLN A 125 -11.32 2.33 29.26
C GLN A 125 -10.02 1.87 29.91
N PHE A 126 -8.91 2.48 29.48
CA PHE A 126 -7.56 2.05 29.79
C PHE A 126 -6.74 3.20 30.42
N PRO A 127 -7.15 3.55 31.64
CA PRO A 127 -6.48 4.66 32.30
C PRO A 127 -4.97 4.50 32.42
N ASN A 128 -4.51 3.26 32.50
CA ASN A 128 -3.06 2.99 32.60
C ASN A 128 -2.36 2.68 31.29
N GLY A 129 -3.11 2.82 30.19
CA GLY A 129 -2.57 2.73 28.85
C GLY A 129 -2.56 1.33 28.30
N LEU A 130 -1.93 1.24 27.14
CA LEU A 130 -1.79 0.03 26.37
C LEU A 130 -0.41 -0.58 26.57
N THR A 131 -0.37 -1.92 26.53
CA THR A 131 0.90 -2.62 26.56
C THR A 131 0.94 -3.61 25.39
N TYR A 132 2.04 -4.34 25.30
CA TYR A 132 2.16 -5.32 24.24
C TYR A 132 1.08 -6.39 24.35
N GLU A 133 0.63 -6.71 25.57
CA GLU A 133 -0.37 -7.78 25.74
C GLU A 133 -1.76 -7.30 26.05
N THR A 134 -1.99 -5.97 25.89
CA THR A 134 -3.38 -5.54 25.94
C THR A 134 -4.13 -5.98 24.68
N PRO A 135 -5.32 -6.54 24.84
CA PRO A 135 -6.05 -6.89 23.61
C PRO A 135 -6.46 -5.69 22.78
N ALA A 136 -6.60 -5.93 21.48
CA ALA A 136 -6.91 -4.87 20.56
C ALA A 136 -8.19 -4.21 21.02
N ILE A 137 -8.27 -2.89 20.77
CA ILE A 137 -9.45 -2.09 21.06
C ILE A 137 -10.19 -1.80 19.71
N LYS A 138 -11.49 -2.13 19.69
CA LYS A 138 -12.31 -1.97 18.48
C LYS A 138 -13.00 -0.63 18.61
N VAL A 139 -12.61 0.27 17.70
CA VAL A 139 -13.17 1.57 17.65
C VAL A 139 -14.15 1.63 16.48
N ASP A 140 -15.41 2.00 16.80
CA ASP A 140 -16.50 2.04 15.77
C ASP A 140 -17.30 3.25 16.20
N LEU A 141 -17.14 4.34 15.45
CA LEU A 141 -17.40 5.67 15.95
C LEU A 141 -18.13 6.62 14.97
N ASN A 142 -19.19 7.23 15.42
CA ASN A 142 -19.87 8.22 14.55
C ASN A 142 -19.00 9.45 14.46
N ILE A 143 -19.01 10.07 13.27
CA ILE A 143 -18.25 11.28 13.04
C ILE A 143 -19.28 12.41 12.86
N PRO A 144 -19.05 13.58 13.52
CA PRO A 144 -20.03 14.67 13.39
C PRO A 144 -20.21 15.18 11.96
N GLU A 145 -21.45 15.53 11.63
CA GLU A 145 -21.75 16.26 10.39
C GLU A 145 -20.78 17.42 10.17
N ASN A 146 -20.45 17.65 8.91
CA ASN A 146 -19.68 18.83 8.49
C ASN A 146 -18.29 18.94 9.13
N ALA A 147 -17.78 17.81 9.62
CA ALA A 147 -16.41 17.80 10.14
C ALA A 147 -15.40 18.14 9.04
N LYS A 148 -14.30 18.76 9.43
CA LYS A 148 -13.26 19.20 8.52
C LYS A 148 -11.91 18.46 8.66
N ARG A 149 -11.52 18.17 9.92
CA ARG A 149 -10.20 17.58 10.21
CA ARG A 149 -10.21 17.55 10.15
C ARG A 149 -10.40 16.40 11.15
N LEU A 150 -9.78 15.26 10.80
CA LEU A 150 -9.78 14.13 11.76
C LEU A 150 -8.30 13.74 12.01
N GLN A 151 -7.95 13.59 13.29
CA GLN A 151 -6.55 13.27 13.68
C GLN A 151 -6.53 12.03 14.56
N LEU A 152 -5.50 11.23 14.28
CA LEU A 152 -5.21 10.00 15.09
C LEU A 152 -3.94 10.37 15.87
N LYS A 153 -4.08 10.43 17.19
CA LYS A 153 -2.95 10.81 18.06
C LYS A 153 -2.56 9.68 19.04
N SER A 154 -1.27 9.34 19.02
CA SER A 154 -0.80 8.29 19.91
C SER A 154 0.27 8.87 20.76
N TYR A 155 0.15 8.63 22.08
CA TYR A 155 1.02 9.25 23.10
C TYR A 155 1.96 8.23 23.74
N ALA A 156 3.26 8.47 23.63
CA ALA A 156 4.25 7.45 23.96
C ALA A 156 4.39 7.34 25.47
N GLY A 157 4.19 8.45 26.16
CA GLY A 157 4.63 8.55 27.56
C GLY A 157 6.12 8.76 27.65
N GLU A 158 6.74 8.03 28.58
CA GLU A 158 8.12 8.30 29.01
CA GLU A 158 8.12 8.29 29.01
C GLU A 158 9.12 8.08 27.90
N LYS A 159 8.97 6.98 27.17
CA LYS A 159 9.84 6.65 26.05
C LYS A 159 9.01 6.24 24.84
N THR A 160 9.62 6.26 23.65
CA THR A 160 8.93 5.82 22.44
C THR A 160 9.25 4.34 22.10
N TRP A 161 10.14 3.73 22.91
CA TRP A 161 10.70 2.44 22.55
C TRP A 161 9.59 1.36 22.37
N GLY A 162 9.59 0.68 21.22
CA GLY A 162 8.65 -0.40 20.99
C GLY A 162 7.22 0.05 20.85
N ASP A 163 6.98 1.39 20.74
CA ASP A 163 5.61 1.86 20.64
C ASP A 163 5.07 1.76 19.20
N GLU A 164 4.99 0.53 18.70
CA GLU A 164 4.57 0.27 17.33
C GLU A 164 3.04 0.26 17.23
N VAL A 165 2.47 1.45 17.25
CA VAL A 165 1.05 1.52 17.23
C VAL A 165 0.52 1.32 15.80
N VAL A 166 -0.45 0.42 15.69
CA VAL A 166 -1.09 0.20 14.40
C VAL A 166 -2.58 0.52 14.52
N TYR A 167 -3.10 1.18 13.46
CA TYR A 167 -4.55 1.41 13.30
C TYR A 167 -4.98 0.38 12.21
N ALA A 168 -5.36 -0.79 12.71
CA ALA A 168 -5.60 -1.97 11.87
C ALA A 168 -6.99 -1.92 11.26
N ASP A 169 -7.04 -2.10 9.94
CA ASP A 169 -8.33 -2.04 9.23
C ASP A 169 -9.02 -0.67 9.28
N ALA A 170 -8.21 0.37 9.50
CA ALA A 170 -8.74 1.71 9.70
C ALA A 170 -9.45 2.22 8.45
N LYS A 171 -10.71 2.60 8.59
CA LYS A 171 -11.54 2.98 7.44
C LYS A 171 -12.57 4.03 7.82
N PHE A 172 -12.86 4.86 6.83
CA PHE A 172 -13.99 5.80 6.94
C PHE A 172 -15.19 5.20 6.21
N THR A 173 -16.40 5.58 6.66
CA THR A 173 -17.56 5.43 5.80
C THR A 173 -18.00 6.87 5.46
N ALA A 174 -18.28 7.09 4.19
CA ALA A 174 -18.47 8.47 3.72
C ALA A 174 -19.54 8.54 2.64
N LYS A 175 -20.29 9.64 2.65
CA LYS A 175 -21.38 9.87 1.67
C LYS A 175 -20.84 10.58 0.44
N GLY A 176 -19.75 11.33 0.59
CA GLY A 176 -19.20 12.14 -0.48
C GLY A 176 -17.82 11.70 -0.88
N ASP A 177 -17.08 12.61 -1.51
CA ASP A 177 -15.70 12.35 -1.90
C ASP A 177 -14.69 13.08 -1.02
N PHE A 178 -13.44 12.67 -1.14
CA PHE A 178 -12.32 13.28 -0.42
C PHE A 178 -11.48 14.23 -1.28
N GLU B 7 25.29 -12.40 -0.47
CA GLU B 7 24.03 -12.50 0.26
C GLU B 7 23.03 -11.44 -0.20
N SER B 8 21.76 -11.78 -0.17
CA SER B 8 20.69 -10.91 -0.79
C SER B 8 19.38 -11.28 -0.16
N ARG B 9 18.35 -10.45 -0.40
CA ARG B 9 16.99 -10.72 0.00
C ARG B 9 16.09 -10.25 -1.11
N ASP B 10 14.86 -10.76 -1.09
CA ASP B 10 13.88 -10.31 -2.08
C ASP B 10 12.90 -9.31 -1.41
N VAL B 11 12.57 -8.27 -2.20
CA VAL B 11 11.71 -7.18 -1.75
C VAL B 11 10.62 -6.99 -2.84
N TYR B 12 9.34 -7.13 -2.42
CA TYR B 12 8.28 -6.88 -3.33
C TYR B 12 8.31 -5.39 -3.72
N LEU B 13 8.08 -5.09 -5.01
CA LEU B 13 7.98 -3.64 -5.38
C LEU B 13 6.84 -3.02 -4.60
N SER B 14 5.76 -3.77 -4.34
CA SER B 14 4.61 -3.15 -3.64
C SER B 14 4.91 -2.87 -2.17
N ASP B 15 6.11 -3.26 -1.68
CA ASP B 15 6.51 -2.89 -0.31
C ASP B 15 7.54 -1.71 -0.34
N LEU B 16 7.68 -1.06 -1.50
CA LEU B 16 8.50 0.14 -1.69
C LEU B 16 7.54 1.27 -2.07
N ASP B 17 8.02 2.50 -1.90
CA ASP B 17 7.32 3.63 -2.50
C ASP B 17 7.99 4.06 -3.78
N TRP B 18 7.19 4.27 -4.83
CA TRP B 18 7.72 4.77 -6.06
C TRP B 18 8.04 6.26 -5.91
N LEU B 19 8.91 6.77 -6.77
CA LEU B 19 9.18 8.19 -6.80
C LEU B 19 7.99 8.89 -7.49
N ASN B 20 7.43 8.24 -8.51
CA ASN B 20 6.36 8.81 -9.31
C ASN B 20 5.69 7.64 -10.06
N ALA B 21 4.39 7.77 -10.35
CA ALA B 21 3.64 6.71 -10.98
C ALA B 21 2.45 7.25 -11.77
N THR B 22 2.64 7.40 -13.08
CA THR B 22 1.59 7.93 -13.95
C THR B 22 0.81 6.73 -14.52
N HIS B 23 -0.41 7.04 -14.99
CA HIS B 23 -1.28 6.05 -15.59
C HIS B 23 -2.16 6.71 -16.62
N GLY B 24 -2.89 5.88 -17.37
CA GLY B 24 -3.67 6.41 -18.46
C GLY B 24 -5.17 6.55 -18.15
N ASP B 25 -5.59 6.42 -16.90
CA ASP B 25 -7.00 6.59 -16.57
C ASP B 25 -7.30 8.09 -16.66
N ASP B 26 -8.50 8.40 -17.11
CA ASP B 26 -8.87 9.81 -17.22
C ASP B 26 -9.05 10.52 -15.88
N THR B 27 -9.42 9.76 -14.85
CA THR B 27 -9.64 10.33 -13.53
C THR B 27 -8.26 10.39 -12.83
N LYS B 28 -7.67 11.57 -12.76
CA LYS B 28 -6.32 11.68 -12.20
C LYS B 28 -6.20 11.51 -10.72
N SER B 29 -7.30 11.61 -9.99
CA SER B 29 -7.33 11.35 -8.55
C SER B 29 -7.11 9.87 -8.26
N LYS B 30 -7.33 9.01 -9.27
CA LYS B 30 -7.05 7.58 -9.07
C LYS B 30 -5.57 7.40 -9.11
N ILE B 31 -5.09 6.35 -8.43
CA ILE B 31 -3.69 6.16 -8.34
C ILE B 31 -3.35 4.69 -8.63
N VAL B 32 -2.14 4.54 -9.11
CA VAL B 32 -1.59 3.20 -9.25
C VAL B 32 -1.80 2.40 -7.99
N GLN B 33 -2.11 1.09 -8.16
CA GLN B 33 -2.51 0.26 -7.02
C GLN B 33 -1.41 -0.75 -6.60
N LYS B 34 -1.32 -0.98 -5.28
CA LYS B 34 -0.48 -2.02 -4.72
C LYS B 34 -1.33 -3.26 -4.38
N ASN B 35 -0.94 -4.40 -4.96
CA ASN B 35 -1.55 -5.68 -4.66
C ASN B 35 -3.00 -5.81 -5.10
N HIS B 36 -3.39 -4.94 -6.04
CA HIS B 36 -4.72 -5.02 -6.66
C HIS B 36 -4.58 -4.52 -8.09
N PRO B 37 -5.49 -4.95 -8.96
CA PRO B 37 -5.58 -4.33 -10.27
C PRO B 37 -6.08 -2.86 -10.13
N PHE B 38 -5.90 -2.05 -11.17
CA PHE B 38 -6.16 -0.59 -11.02
C PHE B 38 -7.61 -0.28 -10.74
N THR B 39 -8.51 -0.70 -11.62
CA THR B 39 -9.92 -0.28 -11.44
C THR B 39 -10.55 -0.79 -10.14
N PRO B 40 -10.50 -2.10 -9.93
CA PRO B 40 -11.07 -2.59 -8.67
C PRO B 40 -10.40 -1.97 -7.43
N GLY B 41 -9.07 -1.85 -7.47
CA GLY B 41 -8.42 -1.32 -6.28
C GLY B 41 -8.83 0.11 -5.96
N ASN B 42 -8.95 0.93 -7.01
CA ASN B 42 -9.35 2.31 -6.79
C ASN B 42 -10.83 2.38 -6.33
N ASN B 43 -11.58 1.35 -6.74
CA ASN B 43 -12.99 1.25 -6.35
C ASN B 43 -13.12 0.64 -4.96
N ASN B 44 -12.06 0.58 -4.18
CA ASN B 44 -12.16 0.11 -2.81
C ASN B 44 -12.56 -1.36 -2.68
N GLN B 45 -12.20 -2.16 -3.69
CA GLN B 45 -12.44 -3.62 -3.68
C GLN B 45 -11.15 -4.41 -3.32
N SER B 46 -11.36 -5.65 -2.83
CA SER B 46 -10.28 -6.49 -2.34
C SER B 46 -9.70 -7.40 -3.45
N THR B 47 -10.30 -7.33 -4.64
CA THR B 47 -9.95 -8.18 -5.79
C THR B 47 -8.42 -8.25 -5.91
N LYS B 48 -7.87 -9.48 -5.90
CA LYS B 48 -6.43 -9.64 -6.13
C LYS B 48 -6.10 -9.65 -7.64
N ILE B 49 -4.83 -9.32 -7.92
CA ILE B 49 -4.29 -9.48 -9.23
C ILE B 49 -4.45 -10.92 -9.73
N SER B 50 -4.86 -11.07 -11.01
CA SER B 50 -4.87 -12.42 -11.62
C SER B 50 -4.50 -12.31 -13.09
N LEU B 51 -3.84 -13.38 -13.60
CA LEU B 51 -3.37 -13.38 -14.97
C LEU B 51 -3.59 -14.79 -15.56
N LYS B 52 -3.75 -14.80 -16.89
CA LYS B 52 -3.76 -16.04 -17.65
C LYS B 52 -2.32 -16.50 -17.81
N MET B 53 -2.04 -17.72 -17.40
CA MET B 53 -0.67 -18.21 -17.47
CA MET B 53 -0.69 -18.27 -17.46
C MET B 53 -0.34 -18.86 -18.83
N GLU B 54 0.91 -19.29 -19.00
CA GLU B 54 1.32 -19.85 -20.27
C GLU B 54 0.45 -21.03 -20.67
N ASP B 55 0.03 -21.83 -19.70
CA ASP B 55 -0.81 -23.00 -20.06
C ASP B 55 -2.28 -22.63 -20.22
N GLY B 56 -2.60 -21.36 -19.98
CA GLY B 56 -3.97 -20.92 -20.14
C GLY B 56 -4.75 -20.75 -18.85
N SER B 57 -4.27 -21.38 -17.76
CA SER B 57 -4.99 -21.33 -16.52
CA SER B 57 -4.97 -21.31 -16.51
C SER B 57 -4.84 -19.95 -15.88
N ILE B 58 -5.82 -19.61 -15.03
CA ILE B 58 -5.77 -18.35 -14.29
C ILE B 58 -5.10 -18.55 -12.96
N SER B 59 -4.11 -17.68 -12.65
CA SER B 59 -3.43 -17.62 -11.35
CA SER B 59 -3.47 -17.66 -11.37
C SER B 59 -3.72 -16.30 -10.69
N GLU B 60 -4.03 -16.35 -9.38
CA GLU B 60 -4.12 -15.17 -8.56
C GLU B 60 -2.79 -14.94 -7.85
N PHE B 61 -2.45 -13.68 -7.65
CA PHE B 61 -1.22 -13.31 -6.97
C PHE B 61 -1.50 -12.44 -5.74
N GLU B 62 -0.76 -12.66 -4.67
CA GLU B 62 -0.92 -11.82 -3.50
C GLU B 62 -0.37 -10.42 -3.70
N LYS B 63 0.77 -10.35 -4.41
CA LYS B 63 1.47 -9.08 -4.55
C LYS B 63 1.61 -8.63 -6.00
N GLY B 64 1.77 -7.33 -6.16
CA GLY B 64 2.08 -6.77 -7.43
C GLY B 64 1.63 -5.31 -7.51
N LEU B 65 1.59 -4.83 -8.76
CA LEU B 65 1.23 -3.43 -9.06
C LEU B 65 0.19 -3.43 -10.17
N GLY B 66 -0.79 -2.52 -10.04
CA GLY B 66 -1.85 -2.41 -11.02
C GLY B 66 -1.91 -0.99 -11.57
N THR B 67 -1.85 -0.88 -12.90
CA THR B 67 -1.91 0.43 -13.57
C THR B 67 -2.84 0.38 -14.78
N ILE B 68 -3.03 1.56 -15.37
CA ILE B 68 -3.65 1.66 -16.71
C ILE B 68 -2.56 2.15 -17.66
N ALA B 69 -2.36 1.43 -18.77
CA ALA B 69 -1.37 1.81 -19.75
C ALA B 69 -1.61 3.25 -20.21
N GLY B 70 -0.57 3.98 -20.56
CA GLY B 70 -0.72 5.39 -20.98
C GLY B 70 0.25 5.74 -22.09
N SER B 71 0.75 6.99 -22.12
CA SER B 71 1.55 7.40 -23.27
C SER B 71 2.96 7.92 -22.97
N PRO B 72 3.76 7.14 -22.20
CA PRO B 72 3.42 5.90 -21.49
C PRO B 72 2.95 6.14 -20.06
N SER B 73 2.44 5.10 -19.42
CA SER B 73 2.35 5.07 -17.97
C SER B 73 3.66 4.61 -17.33
N THR B 74 4.24 5.43 -16.47
CA THR B 74 5.57 5.18 -15.97
C THR B 74 5.60 5.12 -14.48
N ILE B 75 6.20 4.02 -13.94
CA ILE B 75 6.38 3.88 -12.48
C ILE B 75 7.87 3.81 -12.21
N THR B 76 8.37 4.74 -11.38
CA THR B 76 9.82 4.90 -11.20
C THR B 76 10.20 4.61 -9.79
N TYR B 77 11.28 3.82 -9.64
CA TYR B 77 11.85 3.46 -8.32
C TYR B 77 13.32 3.96 -8.24
N ASP B 78 13.63 4.48 -7.09
CA ASP B 78 15.02 4.73 -6.72
C ASP B 78 15.68 3.50 -6.15
N ILE B 79 16.57 2.90 -6.94
CA ILE B 79 17.26 1.70 -6.50
C ILE B 79 18.75 2.04 -6.15
N SER B 80 19.05 3.34 -6.05
CA SER B 80 20.42 3.76 -5.83
C SER B 80 20.84 3.25 -4.47
N GLY B 81 22.04 2.65 -4.42
CA GLY B 81 22.60 2.11 -3.20
C GLY B 81 22.09 0.80 -2.70
N ALA B 82 21.02 0.33 -3.31
CA ALA B 82 20.33 -0.84 -2.76
C ALA B 82 20.97 -2.17 -3.20
N GLY B 83 21.93 -2.10 -4.12
CA GLY B 83 22.58 -3.28 -4.64
C GLY B 83 21.59 -4.27 -5.24
N VAL B 84 20.66 -3.75 -6.04
CA VAL B 84 19.70 -4.63 -6.75
C VAL B 84 20.40 -5.44 -7.82
N THR B 85 20.19 -6.75 -7.79
CA THR B 85 20.82 -7.61 -8.79
C THR B 85 19.81 -8.33 -9.71
N LYS B 86 18.51 -8.33 -9.36
CA LYS B 86 17.54 -9.04 -10.16
C LYS B 86 16.16 -8.40 -10.04
N PHE B 87 15.40 -8.46 -11.15
CA PHE B 87 14.00 -8.05 -11.20
C PHE B 87 13.17 -9.21 -11.77
N PHE B 88 12.11 -9.56 -11.04
CA PHE B 88 11.19 -10.58 -11.54
C PHE B 88 9.77 -9.96 -11.50
N SER B 89 9.00 -10.24 -12.55
CA SER B 89 7.60 -9.99 -12.56
C SER B 89 6.95 -10.81 -13.68
N TYR B 90 5.66 -11.14 -13.49
CA TYR B 90 4.82 -11.45 -14.66
C TYR B 90 4.18 -10.18 -15.15
N LEU B 91 3.96 -10.14 -16.47
CA LEU B 91 3.34 -8.98 -17.12
C LEU B 91 2.11 -9.49 -17.86
N GLY B 92 1.03 -8.72 -17.73
CA GLY B 92 -0.13 -9.01 -18.52
C GLY B 92 -1.28 -8.07 -18.24
N ILE B 93 -2.42 -8.31 -18.92
CA ILE B 93 -3.65 -7.61 -18.59
C ILE B 93 -4.48 -8.44 -17.59
N ASP B 94 -4.82 -7.77 -16.49
CA ASP B 94 -5.51 -8.41 -15.38
C ASP B 94 -6.83 -9.00 -15.85
N ARG B 95 -7.15 -10.20 -15.29
CA ARG B 95 -8.42 -10.81 -15.73
C ARG B 95 -9.69 -9.97 -15.45
N SER B 96 -9.57 -9.05 -14.50
CA SER B 96 -10.66 -8.18 -14.16
C SER B 96 -11.04 -7.24 -15.34
N ALA B 97 -10.11 -7.03 -16.29
CA ALA B 97 -10.42 -6.20 -17.43
C ALA B 97 -11.59 -6.80 -18.19
N ASN B 98 -12.32 -5.93 -18.93
CA ASN B 98 -13.49 -6.38 -19.68
CA ASN B 98 -13.57 -6.35 -19.62
C ASN B 98 -13.34 -6.11 -21.16
N PRO B 99 -13.08 -7.18 -21.95
CA PRO B 99 -12.70 -7.06 -23.35
C PRO B 99 -13.93 -6.98 -24.24
N ILE B 100 -14.59 -5.86 -24.10
CA ILE B 100 -15.88 -5.74 -24.83
C ILE B 100 -15.85 -5.64 -26.36
N ASN B 101 -14.76 -5.06 -26.88
CA ASN B 101 -14.49 -5.06 -28.32
C ASN B 101 -13.00 -5.02 -28.52
N GLU B 102 -12.60 -5.04 -29.78
CA GLU B 102 -11.21 -5.01 -30.17
CA GLU B 102 -11.20 -5.04 -30.15
C GLU B 102 -10.51 -3.77 -29.68
N GLN B 103 -11.26 -2.74 -29.27
CA GLN B 103 -10.65 -1.43 -28.87
C GLN B 103 -10.19 -1.50 -27.41
N TYR B 104 -10.74 -2.46 -26.67
CA TYR B 104 -10.38 -2.61 -25.22
C TYR B 104 -9.24 -3.65 -24.98
N ALA B 105 -8.46 -3.41 -23.90
CA ALA B 105 -7.47 -4.37 -23.47
C ALA B 105 -6.52 -4.70 -24.60
N LYS B 106 -5.89 -3.63 -25.13
CA LYS B 106 -4.90 -3.73 -26.21
C LYS B 106 -3.72 -2.84 -25.81
N VAL B 107 -2.58 -3.45 -25.44
CA VAL B 107 -1.43 -2.72 -24.94
C VAL B 107 -0.29 -2.89 -25.93
N ASP B 108 0.24 -1.77 -26.42
CA ASP B 108 1.24 -1.83 -27.45
C ASP B 108 2.50 -2.62 -26.97
N LYS B 109 2.99 -2.26 -25.78
CA LYS B 109 4.17 -2.90 -25.25
C LYS B 109 4.36 -2.45 -23.78
N ILE B 110 5.20 -3.21 -23.10
CA ILE B 110 5.65 -2.90 -21.73
C ILE B 110 7.16 -3.00 -21.74
N GLU B 111 7.83 -2.00 -21.13
CA GLU B 111 9.28 -1.96 -21.04
C GLU B 111 9.72 -1.91 -19.59
N VAL B 112 10.90 -2.52 -19.32
CA VAL B 112 11.57 -2.32 -18.06
C VAL B 112 12.83 -1.54 -18.47
N VAL B 113 12.97 -0.36 -17.84
CA VAL B 113 14.04 0.60 -18.16
C VAL B 113 14.95 0.79 -16.93
N VAL B 114 16.27 0.69 -17.11
CA VAL B 114 17.17 0.95 -16.00
C VAL B 114 18.17 2.03 -16.43
N ASP B 115 18.21 3.10 -15.64
CA ASP B 115 19.08 4.24 -15.94
C ASP B 115 18.98 4.67 -17.41
N GLY B 116 17.74 4.74 -17.90
CA GLY B 116 17.42 5.21 -19.19
C GLY B 116 17.58 4.24 -20.32
N LYS B 117 18.09 3.02 -20.02
CA LYS B 117 18.27 2.01 -21.03
C LYS B 117 17.11 1.00 -20.95
N VAL B 118 16.51 0.69 -22.09
CA VAL B 118 15.46 -0.32 -22.19
C VAL B 118 16.17 -1.67 -22.07
N ILE B 119 16.00 -2.31 -20.92
CA ILE B 119 16.68 -3.63 -20.74
C ILE B 119 15.75 -4.84 -21.02
N TYR B 120 14.46 -4.55 -21.15
CA TYR B 120 13.48 -5.52 -21.51
C TYR B 120 12.28 -4.83 -22.20
N SER B 121 11.82 -5.41 -23.27
CA SER B 121 10.56 -4.96 -23.86
C SER B 121 9.74 -6.15 -24.39
N THR B 122 8.42 -6.09 -24.23
CA THR B 122 7.56 -7.15 -24.82
C THR B 122 7.46 -7.07 -26.36
N ILE B 123 7.98 -5.99 -26.96
CA ILE B 123 7.77 -5.82 -28.40
C ILE B 123 8.44 -6.89 -29.24
N ASN B 124 9.51 -7.47 -28.70
CA ASN B 124 10.33 -8.46 -29.41
C ASN B 124 9.54 -9.78 -29.59
N GLN B 125 8.90 -10.23 -28.51
CA GLN B 125 8.00 -11.38 -28.58
C GLN B 125 6.58 -11.14 -29.08
N PHE B 126 6.05 -9.97 -28.77
CA PHE B 126 4.71 -9.58 -29.17
C PHE B 126 4.75 -8.26 -29.91
N PRO B 127 5.25 -8.27 -31.16
CA PRO B 127 5.25 -7.03 -31.94
C PRO B 127 3.87 -6.42 -32.13
N ASN B 128 2.82 -7.25 -32.08
CA ASN B 128 1.47 -6.72 -32.26
C ASN B 128 0.78 -6.33 -30.98
N GLY B 129 1.47 -6.47 -29.87
CA GLY B 129 0.96 -6.01 -28.59
C GLY B 129 0.35 -7.15 -27.79
N LEU B 130 -0.03 -6.79 -26.58
CA LEU B 130 -0.67 -7.68 -25.63
C LEU B 130 -2.17 -7.48 -25.77
N THR B 131 -2.89 -8.56 -25.55
CA THR B 131 -4.33 -8.55 -25.57
C THR B 131 -4.87 -9.23 -24.29
N TYR B 132 -6.19 -9.24 -24.15
CA TYR B 132 -6.72 -9.88 -22.98
C TYR B 132 -6.30 -11.33 -22.90
N GLU B 133 -6.15 -12.02 -24.03
CA GLU B 133 -5.90 -13.48 -24.00
C GLU B 133 -4.47 -13.84 -24.32
N THR B 134 -3.60 -12.85 -24.36
CA THR B 134 -2.18 -13.15 -24.43
C THR B 134 -1.72 -13.73 -23.10
N PRO B 135 -1.06 -14.89 -23.11
CA PRO B 135 -0.65 -15.38 -21.76
C PRO B 135 0.39 -14.45 -21.10
N ALA B 136 0.49 -14.59 -19.80
CA ALA B 136 1.40 -13.78 -19.02
C ALA B 136 2.83 -13.98 -19.52
N ILE B 137 3.63 -12.91 -19.42
CA ILE B 137 5.04 -12.94 -19.81
C ILE B 137 5.88 -12.91 -18.51
N LYS B 138 6.80 -13.89 -18.37
CA LYS B 138 7.61 -14.04 -17.18
C LYS B 138 8.92 -13.31 -17.46
N VAL B 139 9.13 -12.23 -16.68
CA VAL B 139 10.31 -11.40 -16.81
C VAL B 139 11.22 -11.71 -15.60
N ASP B 140 12.49 -12.09 -15.90
CA ASP B 140 13.44 -12.45 -14.85
C ASP B 140 14.80 -11.99 -15.38
N LEU B 141 15.26 -10.84 -14.85
CA LEU B 141 16.28 -10.01 -15.47
C LEU B 141 17.40 -9.57 -14.53
N ASN B 142 18.64 -9.66 -15.00
CA ASN B 142 19.75 -9.07 -14.29
C ASN B 142 19.59 -7.55 -14.35
N ILE B 143 20.06 -6.92 -13.27
CA ILE B 143 20.09 -5.46 -13.19
C ILE B 143 21.58 -5.07 -13.04
N PRO B 144 22.02 -4.05 -13.80
CA PRO B 144 23.38 -3.62 -13.78
C PRO B 144 23.84 -3.12 -12.42
N GLU B 145 25.11 -3.41 -12.08
CA GLU B 145 25.70 -2.89 -10.85
C GLU B 145 25.71 -1.37 -10.82
N ASN B 146 25.49 -0.84 -9.62
CA ASN B 146 25.47 0.60 -9.35
C ASN B 146 24.35 1.33 -10.05
N ALA B 147 23.31 0.59 -10.50
CA ALA B 147 22.11 1.25 -11.05
C ALA B 147 21.37 2.14 -10.05
N LYS B 148 20.76 3.23 -10.56
CA LYS B 148 20.05 4.18 -9.68
C LYS B 148 18.52 4.28 -9.86
N ARG B 149 18.06 3.95 -11.07
CA ARG B 149 16.63 4.09 -11.36
C ARG B 149 16.12 2.89 -12.15
N LEU B 150 14.96 2.43 -11.78
CA LEU B 150 14.27 1.44 -12.63
C LEU B 150 12.83 1.96 -12.87
N GLN B 151 12.40 1.87 -14.12
CA GLN B 151 11.08 2.31 -14.50
C GLN B 151 10.33 1.17 -15.19
N LEU B 152 9.03 1.08 -14.93
CA LEU B 152 8.16 0.19 -15.68
C LEU B 152 7.18 0.97 -16.54
N LYS B 153 7.34 0.88 -17.86
CA LYS B 153 6.57 1.71 -18.77
C LYS B 153 5.59 0.86 -19.58
N SER B 154 4.31 1.27 -19.61
CA SER B 154 3.28 0.51 -20.34
C SER B 154 2.63 1.49 -21.25
N TYR B 155 2.52 1.08 -22.52
CA TYR B 155 2.08 1.93 -23.63
C TYR B 155 0.72 1.50 -24.14
N ALA B 156 -0.24 2.41 -23.99
CA ALA B 156 -1.65 2.12 -24.29
C ALA B 156 -2.00 2.01 -25.77
N GLY B 157 -1.23 2.71 -26.59
CA GLY B 157 -1.62 2.84 -27.97
C GLY B 157 -2.75 3.81 -28.13
N GLU B 158 -3.73 3.44 -28.94
CA GLU B 158 -4.68 4.40 -29.49
C GLU B 158 -5.74 4.79 -28.46
N LYS B 159 -6.07 3.88 -27.55
CA LYS B 159 -6.94 4.19 -26.43
C LYS B 159 -6.51 3.46 -25.17
N THR B 160 -6.84 4.02 -24.00
CA THR B 160 -6.44 3.37 -22.71
C THR B 160 -7.45 2.35 -22.23
N TRP B 161 -8.55 2.18 -22.95
CA TRP B 161 -9.71 1.45 -22.43
C TRP B 161 -9.35 -0.01 -22.11
N GLY B 162 -9.66 -0.41 -20.88
CA GLY B 162 -9.43 -1.78 -20.44
C GLY B 162 -7.96 -2.17 -20.34
N ASP B 163 -7.04 -1.18 -20.42
CA ASP B 163 -5.59 -1.51 -20.37
C ASP B 163 -5.14 -1.69 -18.90
N GLU B 164 -5.70 -2.71 -18.25
CA GLU B 164 -5.44 -2.98 -16.82
C GLU B 164 -4.15 -3.77 -16.71
N VAL B 165 -3.03 -3.09 -16.95
CA VAL B 165 -1.75 -3.75 -16.87
C VAL B 165 -1.36 -4.06 -15.41
N VAL B 166 -1.01 -5.33 -15.17
CA VAL B 166 -0.48 -5.67 -13.85
C VAL B 166 0.92 -6.25 -13.95
N TYR B 167 1.73 -5.88 -12.95
CA TYR B 167 3.09 -6.42 -12.75
C TYR B 167 2.93 -7.36 -11.52
N ALA B 168 2.66 -8.62 -11.84
CA ALA B 168 2.21 -9.61 -10.85
C ALA B 168 3.44 -10.27 -10.23
N ASP B 169 3.41 -10.31 -8.92
CA ASP B 169 4.49 -10.87 -8.11
C ASP B 169 5.83 -10.11 -8.33
N ALA B 170 5.73 -8.82 -8.61
CA ALA B 170 6.94 -8.03 -8.93
C ALA B 170 7.82 -7.90 -7.72
N LYS B 171 9.11 -8.19 -7.93
CA LYS B 171 10.06 -8.23 -6.83
C LYS B 171 11.47 -7.95 -7.33
N PHE B 172 12.21 -7.26 -6.45
CA PHE B 172 13.65 -7.08 -6.62
C PHE B 172 14.38 -8.12 -5.75
N THR B 173 15.59 -8.47 -6.20
CA THR B 173 16.53 -9.10 -5.30
C THR B 173 17.66 -8.08 -5.08
N ALA B 174 18.08 -7.92 -3.83
CA ALA B 174 18.89 -6.78 -3.43
C ALA B 174 19.87 -7.16 -2.32
N LYS B 175 21.10 -6.66 -2.43
CA LYS B 175 22.14 -6.92 -1.43
C LYS B 175 22.06 -5.94 -0.26
N GLY B 176 21.47 -4.76 -0.53
CA GLY B 176 21.43 -3.68 0.44
C GLY B 176 20.08 -3.11 0.80
N ASP B 177 20.10 -1.86 1.27
CA ASP B 177 18.87 -1.20 1.73
C ASP B 177 18.35 -0.20 0.72
N PHE B 178 17.02 -0.05 0.68
CA PHE B 178 16.39 0.99 -0.18
C PHE B 178 16.25 2.34 0.52
N VAL B 179 16.38 3.43 -0.23
CA VAL B 179 16.22 4.73 0.34
C VAL B 179 14.81 4.87 0.92
#